data_1FW1
#
_entry.id   1FW1
#
_cell.length_a   100.000
_cell.length_b   100.000
_cell.length_c   56.900
_cell.angle_alpha   90.00
_cell.angle_beta   90.00
_cell.angle_gamma   90.00
#
_symmetry.space_group_name_H-M   'P 4 21 2'
#
loop_
_entity.id
_entity.type
_entity.pdbx_description
1 polymer 'GLUTATHIONE TRANSFERASE ZETA'
2 non-polymer 'SULFATE ION'
3 non-polymer 2,3-DIHYDROXY-1,4-DITHIOBUTANE
4 non-polymer GLUTATHIONE
5 water water
#
_entity_poly.entity_id   1
_entity_poly.type   'polypeptide(L)'
_entity_poly.pdbx_seq_one_letter_code
;MQAGKPILYSYFRSSCSWRVRIALALKGIDYKTVPINLIKDGGQQFSKDFQALNPMKQVPTLKIDGITIHQSLAIIEYLE
ETRPTPRLLPQDPKKRASVRMISDLIAGGIQPLQNLSVLKQVGEEMQLTWAQNAITCGFNALEQILQSTAGIYCVGDEVT
MADLCLVPQVANAERFKVDLTPYPTISSINKRLLVLEAFQVSHPCRQPDTPTELRA
;
_entity_poly.pdbx_strand_id   A
#
# COMPACT_ATOMS: atom_id res chain seq x y z
N LYS A 5 -10.05 13.22 16.27
CA LYS A 5 -9.33 11.92 16.05
C LYS A 5 -9.44 11.53 14.59
N PRO A 6 -8.32 11.31 13.90
CA PRO A 6 -8.48 10.95 12.47
C PRO A 6 -9.16 9.59 12.24
N ILE A 7 -10.03 9.55 11.25
CA ILE A 7 -10.73 8.34 10.91
C ILE A 7 -10.24 7.75 9.60
N LEU A 8 -9.80 6.50 9.64
CA LEU A 8 -9.36 5.79 8.45
C LEU A 8 -10.33 4.67 8.06
N TYR A 9 -10.85 4.72 6.83
CA TYR A 9 -11.71 3.66 6.37
C TYR A 9 -10.75 2.67 5.73
N SER A 10 -10.75 1.45 6.25
CA SER A 10 -9.81 0.44 5.78
C SER A 10 -10.37 -0.98 5.74
N TYR A 11 -9.68 -1.85 5.04
CA TYR A 11 -10.03 -3.28 5.01
C TYR A 11 -8.72 -3.96 5.40
N PHE A 12 -8.73 -4.81 6.43
CA PHE A 12 -7.50 -5.42 6.91
C PHE A 12 -6.66 -6.10 5.87
N ARG A 13 -7.26 -6.59 4.82
CA ARG A 13 -6.52 -7.34 3.81
C ARG A 13 -6.25 -6.55 2.54
N SER A 14 -6.39 -5.23 2.58
CA SER A 14 -6.16 -4.45 1.38
C SER A 14 -4.78 -3.85 1.41
N SER A 15 -4.03 -4.04 0.33
CA SER A 15 -2.68 -3.52 0.33
C SER A 15 -2.73 -2.00 0.40
N CYS A 16 -3.65 -1.36 -0.32
CA CYS A 16 -3.74 0.10 -0.33
C CYS A 16 -3.95 0.72 1.05
N SER A 17 -4.71 0.03 1.89
CA SER A 17 -4.96 0.54 3.23
C SER A 17 -3.72 0.34 4.06
N TRP A 18 -3.07 -0.81 3.93
CA TRP A 18 -1.87 -1.05 4.72
C TRP A 18 -0.84 0.10 4.50
N ARG A 19 -0.72 0.60 3.26
CA ARG A 19 0.24 1.71 3.00
C ARG A 19 -0.03 2.90 3.94
N VAL A 20 -1.30 3.28 4.07
CA VAL A 20 -1.64 4.41 4.91
C VAL A 20 -1.46 4.09 6.38
N ARG A 21 -1.82 2.87 6.80
CA ARG A 21 -1.62 2.47 8.21
C ARG A 21 -0.13 2.59 8.59
N ILE A 22 0.76 2.19 7.69
CA ILE A 22 2.18 2.31 7.99
C ILE A 22 2.55 3.79 8.20
N ALA A 23 2.07 4.67 7.31
CA ALA A 23 2.38 6.09 7.44
C ALA A 23 1.82 6.72 8.73
N LEU A 24 0.63 6.31 9.13
CA LEU A 24 0.06 6.86 10.33
C LEU A 24 0.90 6.43 11.53
N ALA A 25 1.37 5.18 11.52
CA ALA A 25 2.19 4.68 12.63
C ALA A 25 3.55 5.36 12.68
N LEU A 26 4.21 5.53 11.52
CA LEU A 26 5.50 6.20 11.50
C LEU A 26 5.34 7.63 11.98
N LYS A 27 4.25 8.27 11.64
CA LYS A 27 4.05 9.62 12.06
C LYS A 27 3.53 9.72 13.49
N GLY A 28 3.27 8.58 14.14
CA GLY A 28 2.75 8.62 15.50
C GLY A 28 1.38 9.29 15.60
N ILE A 29 0.53 9.13 14.59
CA ILE A 29 -0.78 9.76 14.61
C ILE A 29 -1.83 8.72 15.03
N ASP A 30 -2.58 9.00 16.09
CA ASP A 30 -3.57 8.05 16.55
C ASP A 30 -4.79 8.13 15.69
N TYR A 31 -5.34 7.00 15.29
CA TYR A 31 -6.52 7.10 14.44
C TYR A 31 -7.55 6.02 14.71
N LYS A 32 -8.79 6.32 14.35
CA LYS A 32 -9.85 5.35 14.51
C LYS A 32 -10.04 4.63 13.19
N THR A 33 -10.25 3.32 13.24
CA THR A 33 -10.48 2.56 12.06
C THR A 33 -11.99 2.25 11.92
N VAL A 34 -12.47 2.39 10.68
CA VAL A 34 -13.85 2.08 10.33
C VAL A 34 -13.62 1.09 9.20
N PRO A 35 -13.78 -0.19 9.50
CA PRO A 35 -13.58 -1.24 8.51
C PRO A 35 -14.65 -1.29 7.46
N ILE A 36 -14.25 -1.58 6.24
CA ILE A 36 -15.16 -1.70 5.11
C ILE A 36 -14.81 -3.06 4.54
N ASN A 37 -15.68 -4.04 4.76
CA ASN A 37 -15.46 -5.39 4.28
C ASN A 37 -15.60 -5.44 2.78
N LEU A 38 -14.51 -5.67 2.07
CA LEU A 38 -14.54 -5.67 0.62
C LEU A 38 -15.06 -6.93 -0.04
N ILE A 39 -15.28 -8.00 0.73
CA ILE A 39 -15.73 -9.24 0.13
C ILE A 39 -17.15 -9.75 0.39
N LYS A 40 -17.73 -9.41 1.54
CA LYS A 40 -19.08 -9.88 1.87
C LYS A 40 -20.25 -9.26 1.11
N ASP A 41 -20.81 -9.99 0.12
CA ASP A 41 -21.97 -9.55 -0.67
C ASP A 41 -21.77 -8.33 -1.54
N GLY A 42 -20.62 -8.24 -2.21
CA GLY A 42 -20.32 -7.08 -3.02
C GLY A 42 -19.58 -6.18 -2.07
N GLY A 43 -19.49 -6.62 -0.81
CA GLY A 43 -18.77 -5.84 0.18
C GLY A 43 -19.44 -4.53 0.45
N GLN A 44 -19.02 -3.90 1.54
CA GLN A 44 -19.59 -2.64 1.89
C GLN A 44 -19.10 -1.51 0.99
N GLN A 45 -18.12 -1.76 0.10
CA GLN A 45 -17.64 -0.66 -0.73
C GLN A 45 -18.70 -0.23 -1.72
N PHE A 46 -19.78 -0.98 -1.81
CA PHE A 46 -20.87 -0.66 -2.73
C PHE A 46 -22.16 -0.22 -2.02
N SER A 47 -22.18 -0.35 -0.71
CA SER A 47 -23.35 0.08 0.04
C SER A 47 -23.55 1.56 -0.29
N LYS A 48 -24.79 2.01 -0.22
CA LYS A 48 -25.13 3.41 -0.53
C LYS A 48 -24.34 4.42 0.27
N ASP A 49 -23.99 4.06 1.50
CA ASP A 49 -23.26 4.93 2.41
C ASP A 49 -21.78 5.11 2.10
N PHE A 50 -21.09 4.02 1.88
CA PHE A 50 -19.67 4.16 1.56
C PHE A 50 -19.51 4.88 0.22
N GLN A 51 -20.39 4.58 -0.71
CA GLN A 51 -20.34 5.19 -2.03
C GLN A 51 -20.46 6.71 -1.95
N ALA A 52 -21.25 7.18 -0.97
CA ALA A 52 -21.42 8.62 -0.80
C ALA A 52 -20.18 9.23 -0.14
N LEU A 53 -19.41 8.39 0.55
CA LEU A 53 -18.18 8.86 1.20
C LEU A 53 -17.07 8.90 0.15
N ASN A 54 -16.88 7.77 -0.56
CA ASN A 54 -15.90 7.66 -1.64
C ASN A 54 -16.60 7.11 -2.90
N PRO A 55 -16.89 7.99 -3.89
CA PRO A 55 -17.56 7.53 -5.11
C PRO A 55 -16.80 6.48 -5.89
N MET A 56 -15.47 6.36 -5.69
CA MET A 56 -14.69 5.33 -6.40
C MET A 56 -14.90 3.97 -5.73
N LYS A 57 -15.53 3.98 -4.57
CA LYS A 57 -15.83 2.73 -3.85
C LYS A 57 -14.59 1.89 -3.57
N GLN A 58 -13.63 2.52 -2.93
CA GLN A 58 -12.39 1.86 -2.62
C GLN A 58 -11.92 2.37 -1.27
N VAL A 59 -11.03 1.62 -0.63
CA VAL A 59 -10.41 2.05 0.60
C VAL A 59 -8.93 2.15 0.19
N PRO A 60 -8.15 2.99 0.88
CA PRO A 60 -8.52 3.85 2.00
C PRO A 60 -9.04 5.23 1.68
N THR A 61 -9.74 5.80 2.67
CA THR A 61 -10.22 7.16 2.64
C THR A 61 -9.85 7.60 4.02
N LEU A 62 -9.32 8.83 4.17
CA LEU A 62 -8.96 9.29 5.50
C LEU A 62 -9.62 10.61 5.85
N LYS A 63 -10.24 10.69 7.03
CA LYS A 63 -10.85 11.95 7.48
C LYS A 63 -9.85 12.50 8.48
N ILE A 64 -9.38 13.73 8.25
CA ILE A 64 -8.38 14.33 9.11
C ILE A 64 -8.45 15.84 8.91
N ASP A 65 -8.11 16.59 9.96
CA ASP A 65 -8.14 18.05 9.93
C ASP A 65 -9.41 18.60 9.34
N GLY A 66 -10.49 17.84 9.45
CA GLY A 66 -11.75 18.35 8.93
C GLY A 66 -12.01 18.11 7.46
N ILE A 67 -11.17 17.31 6.79
CA ILE A 67 -11.42 17.07 5.37
C ILE A 67 -11.40 15.58 5.10
N THR A 68 -11.85 15.19 3.92
CA THR A 68 -11.88 13.80 3.53
C THR A 68 -10.94 13.64 2.32
N ILE A 69 -10.02 12.67 2.41
CA ILE A 69 -9.04 12.44 1.34
C ILE A 69 -9.04 11.01 0.90
N HIS A 70 -9.14 10.80 -0.42
CA HIS A 70 -9.07 9.47 -1.03
C HIS A 70 -7.72 9.42 -1.74
N GLN A 71 -7.29 8.21 -2.10
CA GLN A 71 -6.00 7.93 -2.82
C GLN A 71 -4.85 7.85 -1.83
N SER A 72 -4.40 6.62 -1.63
CA SER A 72 -3.38 6.32 -0.65
C SER A 72 -2.17 7.24 -0.74
N LEU A 73 -1.62 7.49 -1.92
CA LEU A 73 -0.45 8.35 -1.99
C LEU A 73 -0.80 9.81 -1.74
N ALA A 74 -1.93 10.29 -2.21
CA ALA A 74 -2.30 11.67 -1.94
C ALA A 74 -2.45 11.85 -0.39
N ILE A 75 -2.90 10.80 0.29
CA ILE A 75 -3.10 10.84 1.75
C ILE A 75 -1.72 10.82 2.38
N ILE A 76 -0.87 9.91 1.94
CA ILE A 76 0.45 9.89 2.53
C ILE A 76 1.19 11.21 2.29
N GLU A 77 1.11 11.80 1.10
CA GLU A 77 1.82 13.09 0.95
C GLU A 77 1.17 14.18 1.80
N TYR A 78 -0.13 14.08 2.03
CA TYR A 78 -0.76 15.09 2.89
C TYR A 78 -0.18 15.00 4.32
N LEU A 79 0.01 13.78 4.81
CA LEU A 79 0.59 13.54 6.13
C LEU A 79 2.05 13.97 6.20
N GLU A 80 2.80 13.78 5.10
CA GLU A 80 4.18 14.19 5.07
C GLU A 80 4.28 15.71 5.17
N GLU A 81 3.42 16.45 4.48
CA GLU A 81 3.41 17.92 4.51
C GLU A 81 2.85 18.52 5.82
N THR A 82 1.89 17.84 6.46
CA THR A 82 1.33 18.40 7.67
C THR A 82 2.00 17.97 8.98
N ARG A 83 2.62 16.80 9.01
CA ARG A 83 3.37 16.29 10.17
C ARG A 83 4.73 15.96 9.58
N PRO A 84 5.59 16.97 9.41
CA PRO A 84 6.90 16.72 8.81
C PRO A 84 7.79 15.64 9.32
N THR A 85 7.89 15.53 10.64
CA THR A 85 8.77 14.58 11.29
C THR A 85 8.07 13.37 11.92
N PRO A 86 8.59 12.16 11.73
CA PRO A 86 9.80 11.82 10.96
C PRO A 86 9.40 11.82 9.48
N ARG A 87 10.34 12.19 8.62
CA ARG A 87 10.08 12.31 7.19
C ARG A 87 9.96 11.01 6.43
N LEU A 88 9.05 10.98 5.44
CA LEU A 88 8.81 9.82 4.58
C LEU A 88 9.33 10.09 3.19
N LEU A 89 9.80 11.32 2.98
CA LEU A 89 10.38 11.71 1.69
C LEU A 89 11.77 12.33 1.91
N PRO A 90 12.73 12.01 1.03
CA PRO A 90 14.01 12.65 1.31
C PRO A 90 13.95 14.14 0.97
N GLN A 91 15.06 14.81 1.19
CA GLN A 91 15.20 16.23 0.93
C GLN A 91 15.59 16.55 -0.53
N ASP A 92 16.52 15.80 -1.06
CA ASP A 92 17.00 16.04 -2.44
C ASP A 92 15.98 15.65 -3.52
N PRO A 93 15.61 16.61 -4.38
CA PRO A 93 14.62 16.36 -5.44
C PRO A 93 14.83 15.12 -6.30
N LYS A 94 16.09 14.76 -6.61
CA LYS A 94 16.36 13.58 -7.42
C LYS A 94 16.02 12.30 -6.63
N LYS A 95 16.28 12.31 -5.34
CA LYS A 95 15.94 11.13 -4.54
C LYS A 95 14.40 11.11 -4.33
N ARG A 96 13.78 12.29 -4.30
CA ARG A 96 12.32 12.33 -4.14
C ARG A 96 11.70 11.78 -5.42
N ALA A 97 12.36 11.99 -6.56
CA ALA A 97 11.80 11.46 -7.79
C ALA A 97 11.92 9.94 -7.81
N SER A 98 12.99 9.38 -7.26
CA SER A 98 13.11 7.93 -7.19
C SER A 98 11.96 7.37 -6.29
N VAL A 99 11.70 8.00 -5.14
CA VAL A 99 10.63 7.55 -4.23
C VAL A 99 9.29 7.58 -4.94
N ARG A 100 8.99 8.69 -5.62
CA ARG A 100 7.71 8.82 -6.28
C ARG A 100 7.55 7.87 -7.44
N MET A 101 8.64 7.65 -8.18
CA MET A 101 8.60 6.77 -9.32
C MET A 101 8.33 5.35 -8.82
N ILE A 102 9.03 4.91 -7.79
CA ILE A 102 8.82 3.55 -7.30
C ILE A 102 7.38 3.41 -6.74
N SER A 103 6.95 4.43 -5.99
CA SER A 103 5.60 4.42 -5.43
C SER A 103 4.54 4.33 -6.55
N ASP A 104 4.66 5.15 -7.61
CA ASP A 104 3.69 5.12 -8.70
C ASP A 104 3.75 3.83 -9.49
N LEU A 105 4.94 3.26 -9.62
CA LEU A 105 5.05 1.99 -10.34
C LEU A 105 4.21 0.93 -9.63
N ILE A 106 4.38 0.82 -8.34
CA ILE A 106 3.61 -0.17 -7.58
C ILE A 106 2.12 0.21 -7.54
N ALA A 107 1.81 1.39 -7.01
CA ALA A 107 0.41 1.81 -6.81
C ALA A 107 -0.44 2.10 -8.03
N GLY A 108 0.22 2.46 -9.13
CA GLY A 108 -0.49 2.76 -10.35
C GLY A 108 -0.19 1.78 -11.50
N GLY A 109 0.95 1.10 -11.42
CA GLY A 109 1.32 0.17 -12.49
C GLY A 109 1.21 -1.31 -12.24
N ILE A 110 0.98 -1.70 -10.97
CA ILE A 110 0.85 -3.12 -10.60
C ILE A 110 -0.47 -3.40 -9.84
N GLN A 111 -0.64 -2.79 -8.68
CA GLN A 111 -1.83 -3.02 -7.90
C GLN A 111 -3.16 -2.91 -8.65
N PRO A 112 -3.37 -1.81 -9.44
CA PRO A 112 -4.63 -1.66 -10.19
C PRO A 112 -5.00 -2.87 -11.05
N LEU A 113 -4.00 -3.50 -11.65
CA LEU A 113 -4.27 -4.64 -12.47
C LEU A 113 -4.65 -5.90 -11.70
N GLN A 114 -4.39 -5.96 -10.39
CA GLN A 114 -4.76 -7.14 -9.60
C GLN A 114 -5.77 -6.78 -8.53
N ASN A 115 -6.36 -5.61 -8.70
CA ASN A 115 -7.40 -5.09 -7.82
C ASN A 115 -8.63 -6.03 -7.92
N LEU A 116 -9.29 -6.26 -6.78
CA LEU A 116 -10.46 -7.13 -6.72
C LEU A 116 -11.49 -6.93 -7.83
N SER A 117 -11.94 -5.70 -8.03
CA SER A 117 -12.96 -5.44 -9.04
C SER A 117 -12.48 -5.74 -10.45
N VAL A 118 -11.17 -5.70 -10.69
CA VAL A 118 -10.68 -6.05 -12.04
C VAL A 118 -10.64 -7.59 -12.09
N LEU A 119 -10.17 -8.22 -11.03
CA LEU A 119 -10.12 -9.68 -11.01
C LEU A 119 -11.54 -10.28 -11.17
N LYS A 120 -12.55 -9.63 -10.60
CA LYS A 120 -13.92 -10.12 -10.76
C LYS A 120 -14.31 -10.12 -12.23
N GLN A 121 -13.90 -9.10 -12.98
CA GLN A 121 -14.23 -9.00 -14.41
C GLN A 121 -13.41 -9.94 -15.26
N VAL A 122 -12.32 -10.44 -14.73
CA VAL A 122 -11.49 -11.33 -15.51
C VAL A 122 -11.95 -12.78 -15.55
N GLY A 123 -12.67 -13.25 -14.54
CA GLY A 123 -13.12 -14.64 -14.61
C GLY A 123 -12.24 -15.55 -13.75
N GLU A 124 -12.86 -16.39 -12.93
CA GLU A 124 -12.07 -17.24 -12.05
C GLU A 124 -10.91 -17.99 -12.69
N GLU A 125 -11.12 -18.59 -13.86
CA GLU A 125 -10.06 -19.37 -14.50
C GLU A 125 -8.81 -18.60 -14.86
N MET A 126 -8.97 -17.31 -15.17
CA MET A 126 -7.82 -16.50 -15.58
C MET A 126 -7.22 -15.59 -14.50
N GLN A 127 -7.94 -15.44 -13.38
CA GLN A 127 -7.53 -14.56 -12.26
C GLN A 127 -6.11 -14.73 -11.74
N LEU A 128 -5.79 -15.94 -11.34
CA LEU A 128 -4.49 -16.19 -10.77
C LEU A 128 -3.40 -15.80 -11.74
N THR A 129 -3.54 -16.23 -12.98
CA THR A 129 -2.57 -15.93 -14.03
C THR A 129 -2.50 -14.41 -14.31
N TRP A 130 -3.65 -13.73 -14.28
CA TRP A 130 -3.68 -12.29 -14.55
C TRP A 130 -2.93 -11.55 -13.45
N ALA A 131 -3.24 -11.88 -12.19
CA ALA A 131 -2.60 -11.23 -11.06
C ALA A 131 -1.11 -11.53 -11.03
N GLN A 132 -0.73 -12.77 -11.33
CA GLN A 132 0.65 -13.17 -11.32
C GLN A 132 1.48 -12.42 -12.36
N ASN A 133 0.92 -12.24 -13.56
CA ASN A 133 1.66 -11.58 -14.62
C ASN A 133 1.78 -10.07 -14.35
N ALA A 134 0.75 -9.47 -13.72
CA ALA A 134 0.81 -8.04 -13.39
C ALA A 134 1.95 -7.88 -12.38
N ILE A 135 2.00 -8.77 -11.40
CA ILE A 135 3.06 -8.67 -10.42
C ILE A 135 4.46 -9.04 -10.95
N THR A 136 4.61 -10.12 -11.69
CA THR A 136 5.95 -10.46 -12.16
C THR A 136 6.45 -9.43 -13.16
N CYS A 137 5.59 -8.91 -14.03
CA CYS A 137 6.03 -7.88 -14.97
C CYS A 137 6.41 -6.59 -14.19
N GLY A 138 5.65 -6.25 -13.15
CA GLY A 138 6.00 -5.07 -12.38
C GLY A 138 7.26 -5.27 -11.56
N PHE A 139 7.43 -6.44 -10.92
CA PHE A 139 8.62 -6.68 -10.12
C PHE A 139 9.85 -6.86 -11.04
N ASN A 140 9.67 -7.41 -12.23
CA ASN A 140 10.82 -7.51 -13.14
C ASN A 140 11.40 -6.12 -13.27
N ALA A 141 10.56 -5.11 -13.52
CA ALA A 141 11.07 -3.74 -13.68
C ALA A 141 11.53 -3.07 -12.37
N LEU A 142 10.79 -3.26 -11.28
CA LEU A 142 11.15 -2.67 -10.00
C LEU A 142 12.51 -3.13 -9.49
N GLU A 143 12.79 -4.42 -9.62
CA GLU A 143 14.04 -5.01 -9.16
C GLU A 143 15.21 -4.37 -9.91
N GLN A 144 15.00 -4.02 -11.18
CA GLN A 144 16.06 -3.37 -11.96
C GLN A 144 16.27 -1.94 -11.46
N ILE A 145 15.18 -1.20 -11.19
CA ILE A 145 15.30 0.17 -10.70
C ILE A 145 16.03 0.21 -9.36
N LEU A 146 15.70 -0.74 -8.46
CA LEU A 146 16.30 -0.84 -7.14
C LEU A 146 17.80 -1.05 -7.16
N GLN A 147 18.29 -1.78 -8.18
CA GLN A 147 19.72 -2.02 -8.36
C GLN A 147 20.42 -0.66 -8.33
N SER A 148 19.72 0.34 -8.82
CA SER A 148 20.25 1.69 -8.85
C SER A 148 19.92 2.58 -7.63
N THR A 149 18.69 2.56 -7.17
CA THR A 149 18.28 3.44 -6.06
C THR A 149 18.44 2.95 -4.63
N ALA A 150 18.40 1.65 -4.46
CA ALA A 150 18.44 1.04 -3.12
C ALA A 150 19.72 1.07 -2.33
N GLY A 151 19.55 1.25 -1.01
CA GLY A 151 20.62 1.20 -0.02
C GLY A 151 20.02 0.15 0.90
N ILE A 152 19.79 0.49 2.17
CA ILE A 152 19.13 -0.46 3.08
C ILE A 152 17.68 -0.63 2.64
N TYR A 153 17.07 0.45 2.17
CA TYR A 153 15.68 0.43 1.75
C TYR A 153 15.51 0.78 0.29
N CYS A 154 14.26 0.99 -0.16
CA CYS A 154 14.05 1.26 -1.60
C CYS A 154 14.88 2.41 -2.20
N VAL A 155 14.98 3.51 -1.46
CA VAL A 155 15.72 4.68 -1.92
C VAL A 155 16.66 5.07 -0.77
N GLY A 156 17.95 4.75 -0.92
CA GLY A 156 18.89 5.08 0.12
C GLY A 156 18.78 4.23 1.38
N ASP A 157 19.08 4.84 2.53
CA ASP A 157 19.10 4.14 3.80
C ASP A 157 18.04 4.55 4.81
N GLU A 158 16.99 5.22 4.35
CA GLU A 158 15.89 5.63 5.24
C GLU A 158 14.62 5.08 4.62
N VAL A 159 13.64 4.82 5.47
CA VAL A 159 12.33 4.34 5.05
C VAL A 159 11.65 5.51 4.40
N THR A 160 11.02 5.29 3.25
CA THR A 160 10.33 6.36 2.54
C THR A 160 9.03 5.78 2.04
N MET A 161 8.24 6.65 1.42
CA MET A 161 6.95 6.25 0.84
C MET A 161 7.09 5.05 -0.10
N ALA A 162 8.23 4.92 -0.80
CA ALA A 162 8.33 3.77 -1.69
C ALA A 162 8.26 2.46 -0.88
N ASP A 163 8.84 2.44 0.32
CA ASP A 163 8.86 1.24 1.17
C ASP A 163 7.46 0.89 1.68
N LEU A 164 6.64 1.91 1.91
CA LEU A 164 5.27 1.74 2.38
C LEU A 164 4.43 1.12 1.28
N CYS A 165 4.91 1.24 0.04
CA CYS A 165 4.20 0.60 -1.06
C CYS A 165 4.82 -0.77 -1.33
N LEU A 166 6.14 -0.92 -1.17
CA LEU A 166 6.74 -2.25 -1.42
C LEU A 166 6.20 -3.35 -0.47
N VAL A 167 6.18 -3.11 0.83
CA VAL A 167 5.73 -4.19 1.73
C VAL A 167 4.36 -4.76 1.39
N PRO A 168 3.32 -3.92 1.27
CA PRO A 168 2.00 -4.48 0.93
C PRO A 168 1.97 -5.20 -0.41
N GLN A 169 2.71 -4.69 -1.38
CA GLN A 169 2.68 -5.35 -2.67
C GLN A 169 3.39 -6.69 -2.59
N VAL A 170 4.40 -6.81 -1.74
CA VAL A 170 5.09 -8.09 -1.66
C VAL A 170 4.16 -9.08 -0.99
N ALA A 171 3.41 -8.66 0.02
CA ALA A 171 2.49 -9.59 0.66
C ALA A 171 1.53 -10.05 -0.44
N ASN A 172 1.09 -9.14 -1.31
CA ASN A 172 0.18 -9.55 -2.37
C ASN A 172 0.86 -10.60 -3.23
N ALA A 173 2.14 -10.37 -3.51
CA ALA A 173 2.88 -11.34 -4.32
C ALA A 173 2.90 -12.70 -3.63
N GLU A 174 3.03 -12.73 -2.31
CA GLU A 174 3.04 -14.02 -1.62
C GLU A 174 1.68 -14.70 -1.73
N ARG A 175 0.60 -13.93 -1.57
CA ARG A 175 -0.78 -14.43 -1.65
C ARG A 175 -1.02 -15.12 -3.00
N PHE A 176 -0.60 -14.48 -4.08
CA PHE A 176 -0.76 -15.05 -5.43
C PHE A 176 0.34 -16.03 -5.75
N LYS A 177 1.05 -16.48 -4.73
CA LYS A 177 2.10 -17.46 -4.92
C LYS A 177 3.12 -17.13 -6.00
N VAL A 178 3.54 -15.87 -6.05
CA VAL A 178 4.55 -15.47 -7.02
C VAL A 178 5.91 -15.88 -6.48
N ASP A 179 6.76 -16.42 -7.34
CA ASP A 179 8.11 -16.82 -6.92
C ASP A 179 9.01 -15.56 -6.91
N LEU A 180 9.45 -15.17 -5.72
CA LEU A 180 10.32 -14.00 -5.54
C LEU A 180 11.81 -14.25 -5.72
N THR A 181 12.21 -15.48 -6.04
CA THR A 181 13.63 -15.75 -6.16
C THR A 181 14.26 -14.86 -7.21
N PRO A 182 13.53 -14.53 -8.29
CA PRO A 182 14.17 -13.66 -9.28
C PRO A 182 14.40 -12.25 -8.76
N TYR A 183 13.86 -11.92 -7.58
CA TYR A 183 14.04 -10.55 -7.06
C TYR A 183 14.66 -10.46 -5.66
N PRO A 184 15.97 -10.73 -5.56
CA PRO A 184 16.72 -10.69 -4.28
C PRO A 184 16.71 -9.33 -3.58
N THR A 185 16.82 -8.23 -4.32
CA THR A 185 16.82 -6.89 -3.72
C THR A 185 15.45 -6.58 -3.08
N ILE A 186 14.36 -6.88 -3.77
CA ILE A 186 13.02 -6.61 -3.24
C ILE A 186 12.82 -7.43 -1.98
N SER A 187 13.24 -8.67 -2.06
CA SER A 187 13.07 -9.56 -0.94
C SER A 187 13.89 -9.14 0.27
N SER A 188 15.13 -8.73 0.00
CA SER A 188 16.04 -8.27 1.04
C SER A 188 15.49 -7.04 1.76
N ILE A 189 14.96 -6.10 0.99
CA ILE A 189 14.41 -4.88 1.56
C ILE A 189 13.11 -5.20 2.33
N ASN A 190 12.29 -6.08 1.76
CA ASN A 190 11.05 -6.45 2.37
C ASN A 190 11.33 -6.99 3.78
N LYS A 191 12.27 -7.93 3.90
CA LYS A 191 12.63 -8.52 5.20
C LYS A 191 13.09 -7.46 6.19
N ARG A 192 13.93 -6.53 5.73
CA ARG A 192 14.39 -5.48 6.62
C ARG A 192 13.30 -4.55 7.10
N LEU A 193 12.27 -4.34 6.28
CA LEU A 193 11.20 -3.44 6.64
C LEU A 193 10.23 -4.04 7.62
N LEU A 194 9.99 -5.35 7.48
CA LEU A 194 9.04 -6.08 8.31
C LEU A 194 9.40 -6.13 9.79
N VAL A 195 10.67 -5.99 10.14
CA VAL A 195 11.01 -6.02 11.56
C VAL A 195 10.75 -4.69 12.23
N LEU A 196 10.46 -3.64 11.46
CA LEU A 196 10.22 -2.32 12.02
C LEU A 196 8.83 -2.22 12.62
N GLU A 197 8.78 -1.59 13.77
CA GLU A 197 7.54 -1.43 14.50
C GLU A 197 6.37 -0.90 13.67
N ALA A 198 6.60 0.10 12.81
CA ALA A 198 5.51 0.69 12.04
C ALA A 198 4.88 -0.24 11.03
N PHE A 199 5.65 -1.24 10.62
CA PHE A 199 5.17 -2.23 9.67
C PHE A 199 4.57 -3.45 10.39
N GLN A 200 4.62 -3.45 11.71
CA GLN A 200 4.04 -4.55 12.48
C GLN A 200 2.73 -4.13 13.10
N VAL A 201 2.72 -2.97 13.74
CA VAL A 201 1.50 -2.50 14.35
C VAL A 201 0.41 -2.23 13.30
N SER A 202 0.81 -2.07 12.03
CA SER A 202 -0.10 -1.76 10.94
C SER A 202 -0.45 -2.98 10.08
N HIS A 203 0.11 -4.14 10.44
CA HIS A 203 -0.05 -5.37 9.71
C HIS A 203 -1.48 -5.88 9.61
N PRO A 204 -1.83 -6.49 8.47
CA PRO A 204 -3.15 -7.06 8.18
C PRO A 204 -3.66 -7.97 9.31
N CYS A 205 -2.73 -8.67 9.93
CA CYS A 205 -3.08 -9.58 10.99
C CYS A 205 -3.36 -8.97 12.37
N ARG A 206 -3.25 -7.65 12.50
CA ARG A 206 -3.50 -6.97 13.78
C ARG A 206 -4.46 -5.80 13.67
N GLN A 207 -5.43 -5.90 12.79
CA GLN A 207 -6.37 -4.83 12.63
C GLN A 207 -7.69 -5.17 13.36
N PRO A 208 -8.52 -4.16 13.66
CA PRO A 208 -9.78 -4.44 14.36
C PRO A 208 -10.74 -5.31 13.57
N ASP A 209 -10.54 -5.39 12.26
CA ASP A 209 -11.42 -6.23 11.45
C ASP A 209 -10.76 -7.51 11.00
N THR A 210 -9.61 -7.83 11.60
CA THR A 210 -8.96 -9.08 11.25
C THR A 210 -9.82 -10.16 11.93
N PRO A 211 -10.11 -11.26 11.23
CA PRO A 211 -10.93 -12.33 11.81
C PRO A 211 -10.18 -12.95 13.02
N THR A 212 -10.91 -13.26 14.10
CA THR A 212 -10.30 -13.81 15.31
C THR A 212 -9.39 -15.04 15.15
#